data_4RIS
#
_entry.id   4RIS
#
_cell.length_a   55.719
_cell.length_b   53.908
_cell.length_c   73.573
_cell.angle_alpha   90.00
_cell.angle_beta   108.92
_cell.angle_gamma   90.00
#
_symmetry.space_group_name_H-M   'P 1 21 1'
#
loop_
_entity.id
_entity.type
_entity.pdbx_description
1 polymer 'Envelope glycoprotein'
2 polymer 'CH58-UA Fab heavy chain'
3 polymer 'CH58-UA Fab light chain'
4 water water
#
loop_
_entity_poly.entity_id
_entity_poly.type
_entity_poly.pdbx_seq_one_letter_code
_entity_poly.pdbx_strand_id
1 'polypeptide(L)' LRDKKQKVHALFYKADAV P
2 'polypeptide(L)'
;EVQLVQSGAEVKKPGESLKISCKGSGYSFTSYWIGWVRQMPGKGLEWMGIIYPGDSDTRYSPSFQGQVTISADKSISTAY
LQWSSLKASDTAMYYCARLGGRYYYDSSGYYYFDYWGQGTLVTVSSASTKGPSVFPLAPSSKSTSGGTAALGCLVKDYFP
EPVTVSWNSGALTSGVHTFPAVLQSSGLYSLSSVVTVPSSSLGTQTYICNVNHKPSNTKVDKRVEPKSCDK
;
H
3 'polypeptide(L)'
;NFMLTQPHSVSESPGKTVTISCTRSSGSIASNYVQWYQQRPGSSPTTVIYEDNQRPSGVPDRFSGSIDSSSNSASLTISG
LKTEDEADYYCQSYDSSSWVFGGGTKLTVLGQPKAAPSVTLFPPSSEELQANKATLVCLISDFYPGAVTVAWKADSSPVK
AGVETTTPSKQSNNKYAASSYLSLTPEQWKSHRSYSCQVTHEGSTVEKTVAPTECS
;
L
#
# COMPACT_ATOMS: atom_id res chain seq x y z
N ARG A 2 17.76 -17.68 30.51
CA ARG A 2 16.53 -18.47 30.41
C ARG A 2 16.25 -18.85 28.97
N ASP A 3 15.11 -19.48 28.73
CA ASP A 3 14.91 -20.19 27.48
C ASP A 3 14.65 -19.31 26.24
N LYS A 4 13.81 -18.29 26.35
CA LYS A 4 13.60 -17.41 25.18
C LYS A 4 14.88 -16.69 24.72
N LYS A 5 15.73 -16.28 25.66
CA LYS A 5 16.98 -15.67 25.31
C LYS A 5 17.94 -16.71 24.76
N GLN A 6 17.92 -17.89 25.36
CA GLN A 6 18.70 -19.03 24.85
C GLN A 6 18.40 -19.25 23.36
N LYS A 7 17.11 -19.27 22.99
CA LYS A 7 16.68 -19.47 21.60
C LYS A 7 17.23 -18.42 20.63
N VAL A 8 17.22 -17.14 20.99
CA VAL A 8 17.72 -16.14 20.06
C VAL A 8 19.23 -16.22 19.90
N HIS A 9 19.92 -16.58 20.98
CA HIS A 9 21.35 -16.85 20.92
C HIS A 9 21.67 -17.95 19.93
N ALA A 10 20.88 -19.01 19.96
CA ALA A 10 21.09 -20.17 19.10
C ALA A 10 20.81 -19.79 17.64
N LEU A 11 19.98 -18.77 17.46
CA LEU A 11 19.62 -18.30 16.14
C LEU A 11 20.66 -17.34 15.61
N PHE A 12 21.08 -16.40 16.46
CA PHE A 12 21.76 -15.22 15.97
C PHE A 12 23.23 -15.08 16.35
N TYR A 13 23.71 -15.82 17.36
CA TYR A 13 25.06 -15.54 17.86
C TYR A 13 26.21 -15.90 16.93
N LYS A 14 27.09 -14.92 16.72
CA LYS A 14 28.39 -15.09 16.06
C LYS A 14 29.43 -14.25 16.81
N ALA A 15 30.64 -14.78 16.97
CA ALA A 15 31.66 -14.09 17.76
C ALA A 15 32.08 -12.73 17.22
N GLU B 1 26.36 7.67 11.67
CA GLU B 1 25.92 7.62 10.27
C GLU B 1 25.90 6.18 9.73
N VAL B 2 25.29 5.26 10.48
CA VAL B 2 25.02 3.93 9.94
C VAL B 2 24.04 4.05 8.79
N GLN B 3 24.36 3.43 7.66
CA GLN B 3 23.49 3.52 6.49
C GLN B 3 23.33 2.18 5.81
N LEU B 4 22.09 1.80 5.60
CA LEU B 4 21.76 0.71 4.69
C LEU B 4 21.12 1.38 3.49
N VAL B 5 21.77 1.29 2.33
CA VAL B 5 21.27 1.94 1.13
C VAL B 5 20.98 0.95 0.01
N GLN B 6 19.69 0.79 -0.31
CA GLN B 6 19.28 -0.17 -1.32
C GLN B 6 19.31 0.39 -2.74
N SER B 7 19.48 -0.50 -3.72
CA SER B 7 19.58 -0.10 -5.13
C SER B 7 18.24 0.42 -5.69
N GLY B 8 18.30 1.08 -6.85
CA GLY B 8 17.14 1.76 -7.41
C GLY B 8 15.96 0.88 -7.77
N ALA B 9 14.85 1.52 -8.12
CA ALA B 9 13.65 0.83 -8.58
C ALA B 9 13.92 0.00 -9.84
N GLU B 10 13.22 -1.11 -9.97
CA GLU B 10 13.42 -2.01 -11.10
C GLU B 10 12.10 -2.32 -11.80
N VAL B 11 12.10 -2.27 -13.14
CA VAL B 11 10.97 -2.70 -13.95
C VAL B 11 11.40 -3.87 -14.83
N LYS B 12 10.68 -5.00 -14.71
CA LYS B 12 11.15 -6.24 -15.30
C LYS B 12 10.00 -7.06 -15.87
N LYS B 13 10.33 -8.00 -16.74
CA LYS B 13 9.33 -8.90 -17.30
C LYS B 13 9.51 -10.32 -16.76
N PRO B 14 8.44 -11.12 -16.76
CA PRO B 14 8.53 -12.52 -16.33
C PRO B 14 9.56 -13.29 -17.13
N GLY B 15 10.45 -13.99 -16.44
CA GLY B 15 11.48 -14.78 -17.08
C GLY B 15 12.86 -14.17 -16.93
N GLU B 16 12.90 -12.87 -16.65
CA GLU B 16 14.17 -12.19 -16.52
C GLU B 16 14.79 -12.49 -15.16
N SER B 17 16.11 -12.44 -15.09
CA SER B 17 16.79 -12.60 -13.81
C SER B 17 16.99 -11.19 -13.27
N LEU B 18 17.19 -11.08 -11.96
CA LEU B 18 17.37 -9.78 -11.30
C LEU B 18 18.19 -9.95 -10.04
N LYS B 19 19.10 -9.02 -9.79
CA LYS B 19 19.86 -8.99 -8.55
C LYS B 19 19.81 -7.57 -7.98
N ILE B 20 19.18 -7.42 -6.82
CA ILE B 20 19.15 -6.13 -6.14
C ILE B 20 20.15 -6.13 -5.00
N SER B 21 20.59 -4.94 -4.60
CA SER B 21 21.62 -4.82 -3.58
C SER B 21 21.22 -3.99 -2.35
N CYS B 22 21.98 -4.16 -1.29
CA CYS B 22 21.74 -3.46 -0.04
C CYS B 22 23.10 -3.20 0.58
N LYS B 23 23.58 -1.96 0.55
CA LYS B 23 24.95 -1.68 0.99
C LYS B 23 24.98 -1.03 2.37
N GLY B 24 25.80 -1.57 3.27
CA GLY B 24 25.91 -1.04 4.62
C GLY B 24 27.17 -0.20 4.76
N SER B 25 27.04 0.95 5.41
CA SER B 25 28.21 1.79 5.66
C SER B 25 28.12 2.39 7.06
N GLY B 26 29.28 2.77 7.60
CA GLY B 26 29.33 3.37 8.92
C GLY B 26 29.50 2.38 10.06
N TYR B 27 29.75 1.12 9.73
CA TYR B 27 29.94 0.06 10.73
C TYR B 27 30.55 -1.19 10.10
N SER B 28 30.87 -2.17 10.94
CA SER B 28 31.44 -3.44 10.47
C SER B 28 30.41 -4.40 9.84
N PHE B 29 30.43 -4.50 8.51
CA PHE B 29 29.40 -5.22 7.78
C PHE B 29 29.34 -6.70 8.16
N THR B 30 30.49 -7.28 8.47
CA THR B 30 30.55 -8.70 8.76
C THR B 30 30.21 -9.04 10.20
N SER B 31 29.79 -8.06 10.98
CA SER B 31 29.51 -8.33 12.40
C SER B 31 28.03 -8.30 12.74
N TYR B 32 27.18 -8.12 11.73
CA TYR B 32 25.74 -8.03 11.93
C TYR B 32 24.97 -8.74 10.83
N TRP B 33 23.95 -9.50 11.21
CA TRP B 33 23.05 -10.13 10.24
C TRP B 33 22.33 -9.08 9.41
N ILE B 34 22.13 -9.39 8.14
CA ILE B 34 21.24 -8.61 7.27
C ILE B 34 20.01 -9.44 6.90
N GLY B 35 18.84 -8.96 7.28
CA GLY B 35 17.58 -9.60 6.91
C GLY B 35 16.91 -9.00 5.66
N TRP B 36 16.07 -9.79 5.01
CA TRP B 36 15.33 -9.36 3.81
C TRP B 36 13.84 -9.57 4.01
N VAL B 37 13.06 -8.54 3.72
CA VAL B 37 11.63 -8.56 3.97
C VAL B 37 10.87 -8.12 2.71
N ARG B 38 9.84 -8.87 2.37
CA ARG B 38 9.01 -8.56 1.23
C ARG B 38 7.68 -7.92 1.64
N GLN B 39 7.25 -6.93 0.88
CA GLN B 39 5.92 -6.37 1.06
C GLN B 39 5.26 -6.20 -0.30
N MET B 40 4.30 -7.08 -0.62
CA MET B 40 3.54 -6.99 -1.86
C MET B 40 2.59 -5.82 -1.76
N PRO B 41 2.15 -5.26 -2.89
CA PRO B 41 1.44 -3.98 -2.81
C PRO B 41 0.07 -4.10 -2.12
N GLY B 42 -0.12 -3.30 -1.08
CA GLY B 42 -1.35 -3.34 -0.31
C GLY B 42 -1.37 -4.46 0.72
N LYS B 43 -0.24 -5.12 0.91
CA LYS B 43 -0.20 -6.22 1.86
C LYS B 43 0.80 -6.01 2.99
N GLY B 44 0.95 -7.04 3.83
CA GLY B 44 1.79 -6.96 5.00
C GLY B 44 3.21 -7.43 4.76
N LEU B 45 4.04 -7.34 5.79
CA LEU B 45 5.41 -7.78 5.71
C LEU B 45 5.53 -9.31 5.73
N GLU B 46 6.49 -9.83 4.96
CA GLU B 46 6.84 -11.25 4.97
C GLU B 46 8.35 -11.38 5.11
N TRP B 47 8.78 -12.34 5.90
CA TRP B 47 10.21 -12.59 6.06
C TRP B 47 10.70 -13.50 4.96
N MET B 48 11.79 -13.10 4.33
CA MET B 48 12.35 -13.91 3.26
C MET B 48 13.51 -14.77 3.76
N GLY B 49 14.49 -14.14 4.38
CA GLY B 49 15.56 -14.89 4.97
C GLY B 49 16.55 -13.93 5.61
N ILE B 50 17.70 -14.45 6.00
CA ILE B 50 18.69 -13.63 6.68
C ILE B 50 20.09 -14.18 6.40
N ILE B 51 21.08 -13.30 6.41
CA ILE B 51 22.46 -13.71 6.15
C ILE B 51 23.49 -12.98 7.03
N TYR B 52 24.46 -13.72 7.55
CA TYR B 52 25.58 -13.14 8.28
C TYR B 52 26.75 -12.98 7.30
N PRO B 53 27.14 -11.73 6.98
CA PRO B 53 28.13 -11.49 5.92
C PRO B 53 29.52 -12.03 6.25
N GLY B 54 29.82 -12.24 7.53
CA GLY B 54 31.10 -12.79 7.91
C GLY B 54 31.36 -14.11 7.23
N ASP B 55 30.45 -15.06 7.40
CA ASP B 55 30.66 -16.42 6.88
C ASP B 55 29.63 -16.86 5.82
N SER B 56 28.78 -15.94 5.38
CA SER B 56 27.69 -16.24 4.44
C SER B 56 26.76 -17.33 4.95
N ASP B 57 26.63 -17.41 6.28
CA ASP B 57 25.65 -18.30 6.89
C ASP B 57 24.30 -17.71 6.53
N THR B 58 23.43 -18.55 6.02
CA THR B 58 22.20 -18.09 5.41
C THR B 58 21.02 -18.95 5.83
N ARG B 59 19.95 -18.29 6.26
CA ARG B 59 18.72 -18.95 6.61
C ARG B 59 17.55 -18.39 5.81
N TYR B 60 16.61 -19.25 5.45
CA TYR B 60 15.48 -18.91 4.59
C TYR B 60 14.16 -19.27 5.25
N SER B 61 13.17 -18.40 5.07
CA SER B 61 11.79 -18.78 5.28
C SER B 61 11.39 -19.88 4.29
N PRO B 62 10.71 -20.92 4.77
CA PRO B 62 10.20 -22.05 3.99
C PRO B 62 9.41 -21.61 2.75
N SER B 63 8.73 -20.48 2.84
CA SER B 63 7.97 -19.94 1.73
C SER B 63 8.86 -19.49 0.56
N PHE B 64 10.10 -19.13 0.88
CA PHE B 64 10.99 -18.49 -0.08
C PHE B 64 12.19 -19.36 -0.42
N GLN B 65 12.49 -20.30 0.46
CA GLN B 65 13.53 -21.29 0.22
C GLN B 65 13.46 -21.87 -1.19
N GLY B 66 14.57 -21.75 -1.92
CA GLY B 66 14.63 -22.22 -3.30
C GLY B 66 13.95 -21.35 -4.34
N GLN B 67 13.31 -20.26 -3.92
CA GLN B 67 12.62 -19.34 -4.84
C GLN B 67 13.49 -18.13 -5.18
N VAL B 68 14.50 -17.90 -4.35
CA VAL B 68 15.29 -16.70 -4.38
C VAL B 68 16.62 -17.03 -3.71
N THR B 69 17.69 -16.33 -4.10
CA THR B 69 18.99 -16.53 -3.48
C THR B 69 19.47 -15.29 -2.72
N ILE B 70 19.94 -15.50 -1.50
CA ILE B 70 20.47 -14.42 -0.67
C ILE B 70 21.96 -14.65 -0.55
N SER B 71 22.75 -13.62 -0.85
CA SER B 71 24.20 -13.71 -0.80
C SER B 71 24.77 -12.40 -0.27
N ALA B 72 26.07 -12.38 -0.07
CA ALA B 72 26.71 -11.20 0.46
C ALA B 72 28.15 -11.11 -0.05
N ASP B 73 28.63 -9.88 -0.21
CA ASP B 73 30.00 -9.65 -0.65
C ASP B 73 30.70 -8.74 0.35
N LYS B 74 31.20 -9.37 1.41
CA LYS B 74 31.86 -8.70 2.53
C LYS B 74 32.90 -7.66 2.12
N SER B 75 33.60 -7.91 1.02
CA SER B 75 34.60 -6.94 0.55
C SER B 75 33.93 -5.61 0.15
N ILE B 76 32.65 -5.68 -0.21
CA ILE B 76 31.98 -4.50 -0.75
C ILE B 76 30.96 -4.01 0.25
N SER B 77 30.90 -4.70 1.38
CA SER B 77 29.92 -4.41 2.43
C SER B 77 28.48 -4.44 1.90
N THR B 78 28.22 -5.35 0.96
CA THR B 78 26.93 -5.47 0.29
C THR B 78 26.25 -6.83 0.47
N ALA B 79 24.94 -6.80 0.68
CA ALA B 79 24.11 -8.00 0.68
C ALA B 79 23.24 -7.97 -0.58
N TYR B 80 22.79 -9.16 -1.01
CA TYR B 80 22.01 -9.26 -2.24
C TYR B 80 20.80 -10.17 -2.11
N LEU B 81 19.82 -9.91 -2.97
CA LEU B 81 18.65 -10.74 -3.17
C LEU B 81 18.61 -11.01 -4.67
N GLN B 82 18.34 -12.25 -5.06
CA GLN B 82 18.55 -12.67 -6.44
C GLN B 82 17.48 -13.65 -6.94
N TRP B 83 17.04 -13.45 -8.18
CA TRP B 83 16.11 -14.36 -8.88
C TRP B 83 16.65 -14.75 -10.24
N SER B 84 16.41 -16.00 -10.65
CA SER B 84 16.83 -16.43 -11.98
C SER B 84 15.69 -16.33 -12.99
N SER B 85 14.47 -16.28 -12.47
CA SER B 85 13.28 -16.22 -13.32
C SER B 85 12.10 -15.61 -12.57
N LEU B 86 11.95 -14.29 -12.73
CA LEU B 86 10.92 -13.52 -12.03
C LEU B 86 9.50 -13.89 -12.45
N LYS B 87 8.58 -13.78 -11.50
CA LYS B 87 7.15 -13.92 -11.78
C LYS B 87 6.50 -12.58 -11.53
N ALA B 88 5.41 -12.27 -12.23
CA ALA B 88 4.66 -11.04 -12.00
C ALA B 88 4.16 -10.94 -10.55
N SER B 89 4.03 -12.11 -9.93
CA SER B 89 3.70 -12.23 -8.52
C SER B 89 4.82 -11.72 -7.61
N ASP B 90 6.04 -11.64 -8.15
CA ASP B 90 7.18 -11.12 -7.37
C ASP B 90 7.20 -9.60 -7.28
N THR B 91 6.20 -8.94 -7.88
CA THR B 91 6.05 -7.51 -7.72
C THR B 91 5.87 -7.18 -6.24
N ALA B 92 6.85 -6.51 -5.65
CA ALA B 92 6.76 -6.13 -4.25
C ALA B 92 7.75 -5.05 -3.93
N MET B 93 7.68 -4.52 -2.71
CA MET B 93 8.73 -3.67 -2.20
C MET B 93 9.62 -4.56 -1.36
N TYR B 94 10.94 -4.41 -1.51
CA TYR B 94 11.87 -5.24 -0.77
C TYR B 94 12.70 -4.45 0.23
N TYR B 95 12.67 -4.88 1.48
CA TYR B 95 13.47 -4.21 2.52
C TYR B 95 14.56 -5.10 3.07
N CYS B 96 15.75 -4.50 3.18
CA CYS B 96 16.82 -5.12 3.93
C CYS B 96 16.88 -4.42 5.27
N ALA B 97 17.47 -5.07 6.25
CA ALA B 97 17.61 -4.51 7.58
C ALA B 97 18.75 -5.17 8.33
N ARG B 98 19.38 -4.42 9.23
CA ARG B 98 20.46 -4.95 10.03
C ARG B 98 19.92 -5.40 11.39
N LEU B 99 20.27 -6.64 11.75
CA LEU B 99 19.97 -7.14 13.08
C LEU B 99 21.02 -6.60 14.03
N GLY B 100 20.68 -5.52 14.72
CA GLY B 100 21.58 -4.92 15.67
C GLY B 100 21.39 -5.45 17.10
N GLY B 101 21.97 -4.75 18.06
CA GLY B 101 21.88 -5.15 19.45
C GLY B 101 23.26 -5.43 20.00
N ARG B 102 23.33 -6.38 20.93
CA ARG B 102 24.57 -6.76 21.59
C ARG B 102 24.79 -8.27 21.40
N TYR B 103 25.82 -8.63 20.63
CA TYR B 103 26.04 -10.04 20.28
C TYR B 103 26.85 -10.79 21.33
N TYR B 104 26.27 -11.02 22.49
CA TYR B 104 26.93 -11.80 23.54
C TYR B 104 26.05 -12.92 24.04
N TYR B 105 26.62 -14.12 24.08
CA TYR B 105 25.91 -15.30 24.57
C TYR B 105 25.71 -15.15 26.07
N ASP B 106 24.79 -14.26 26.41
CA ASP B 106 24.72 -13.61 27.70
C ASP B 106 23.30 -13.22 27.99
N SER B 107 22.99 -13.13 29.28
CA SER B 107 21.79 -12.47 29.74
C SER B 107 21.73 -11.04 29.21
N SER B 108 22.89 -10.42 29.00
CA SER B 108 22.98 -9.04 28.54
C SER B 108 22.75 -8.87 27.04
N GLY B 109 22.85 -9.96 26.29
CA GLY B 109 22.67 -9.90 24.83
C GLY B 109 21.25 -9.66 24.38
N TYR B 110 21.10 -9.23 23.13
CA TYR B 110 19.79 -9.05 22.48
C TYR B 110 20.00 -8.78 20.98
N TYR B 111 18.93 -8.96 20.21
CA TYR B 111 18.97 -8.80 18.76
C TYR B 111 17.64 -8.24 18.27
N TYR B 112 17.71 -7.17 17.47
CA TYR B 112 16.54 -6.63 16.78
C TYR B 112 16.97 -5.81 15.55
N PHE B 113 16.09 -5.70 14.56
CA PHE B 113 16.31 -4.83 13.41
C PHE B 113 16.36 -3.35 13.84
N ASP B 114 17.54 -2.76 13.76
CA ASP B 114 17.74 -1.40 14.28
C ASP B 114 17.96 -0.35 13.18
N TYR B 115 18.27 -0.82 11.98
CA TYR B 115 18.40 0.02 10.80
C TYR B 115 17.83 -0.71 9.59
N TRP B 116 17.11 0.03 8.76
CA TRP B 116 16.48 -0.50 7.56
C TRP B 116 17.02 0.23 6.33
N GLY B 117 17.10 -0.46 5.20
CA GLY B 117 17.28 0.20 3.91
C GLY B 117 15.99 0.91 3.54
N GLN B 118 16.03 1.77 2.52
CA GLN B 118 14.86 2.58 2.15
C GLN B 118 13.86 1.79 1.30
N GLY B 119 14.23 0.57 0.92
CA GLY B 119 13.35 -0.24 0.11
C GLY B 119 13.69 -0.17 -1.36
N THR B 120 13.48 -1.27 -2.08
CA THR B 120 13.66 -1.30 -3.52
C THR B 120 12.36 -1.78 -4.13
N LEU B 121 11.81 -1.01 -5.06
CA LEU B 121 10.57 -1.39 -5.72
C LEU B 121 10.86 -2.28 -6.92
N VAL B 122 10.42 -3.53 -6.86
CA VAL B 122 10.48 -4.42 -8.02
C VAL B 122 9.08 -4.60 -8.60
N THR B 123 8.94 -4.19 -9.86
CA THR B 123 7.68 -4.32 -10.60
C THR B 123 7.87 -5.28 -11.74
N VAL B 124 7.19 -6.42 -11.69
CA VAL B 124 7.31 -7.42 -12.75
C VAL B 124 6.02 -7.51 -13.57
N SER B 125 6.14 -7.24 -14.87
CA SER B 125 5.00 -7.21 -15.78
C SER B 125 5.40 -7.50 -17.23
N SER B 126 4.42 -7.97 -18.00
CA SER B 126 4.65 -8.33 -19.39
C SER B 126 4.53 -7.11 -20.29
N ALA B 127 4.07 -6.00 -19.73
CA ALA B 127 3.89 -4.75 -20.49
C ALA B 127 5.23 -4.11 -20.84
N SER B 128 5.29 -3.52 -22.03
CA SER B 128 6.42 -2.69 -22.43
C SER B 128 6.02 -1.25 -22.14
N THR B 129 6.93 -0.32 -22.32
CA THR B 129 6.64 1.08 -22.08
C THR B 129 5.58 1.53 -23.09
N LYS B 130 4.55 2.23 -22.60
CA LYS B 130 3.39 2.55 -23.44
C LYS B 130 2.65 3.83 -23.03
N GLY B 131 2.38 4.68 -24.01
CA GLY B 131 1.65 5.92 -23.79
C GLY B 131 0.16 5.67 -23.67
N PRO B 132 -0.53 6.49 -22.88
CA PRO B 132 -1.96 6.32 -22.64
C PRO B 132 -2.84 6.87 -23.76
N SER B 133 -4.08 6.42 -23.81
CA SER B 133 -5.12 7.13 -24.53
C SER B 133 -5.88 7.93 -23.49
N VAL B 134 -6.66 8.91 -23.92
CA VAL B 134 -7.40 9.75 -22.99
C VAL B 134 -8.86 9.89 -23.44
N PHE B 135 -9.78 9.52 -22.54
CA PHE B 135 -11.21 9.47 -22.84
C PHE B 135 -11.95 10.44 -21.93
N PRO B 136 -13.10 10.94 -22.40
CA PRO B 136 -13.74 12.00 -21.60
C PRO B 136 -14.70 11.44 -20.57
N LEU B 137 -14.74 12.06 -19.39
CA LEU B 137 -15.76 11.78 -18.39
C LEU B 137 -16.67 13.01 -18.26
N ALA B 138 -17.77 13.04 -18.99
CA ALA B 138 -18.46 14.31 -19.22
C ALA B 138 -19.70 14.53 -18.35
N PRO B 139 -19.98 15.80 -18.04
CA PRO B 139 -21.19 16.14 -17.27
C PRO B 139 -22.38 16.32 -18.23
N SER B 140 -23.60 16.20 -17.74
CA SER B 140 -24.76 16.45 -18.59
C SER B 140 -24.93 17.95 -18.86
N SER B 141 -25.50 18.28 -20.02
CA SER B 141 -25.79 19.67 -20.38
C SER B 141 -27.13 20.11 -19.82
N LYS B 142 -27.82 19.19 -19.13
CA LYS B 142 -29.13 19.47 -18.56
C LYS B 142 -29.07 19.77 -17.06
N SER B 143 -27.93 19.48 -16.42
CA SER B 143 -27.79 19.59 -14.96
C SER B 143 -28.24 20.96 -14.41
N THR B 144 -28.97 20.91 -13.30
CA THR B 144 -29.66 22.08 -12.76
C THR B 144 -28.72 23.27 -12.53
N SER B 145 -29.12 24.43 -13.03
CA SER B 145 -28.33 25.65 -12.85
C SER B 145 -28.37 26.13 -11.41
N GLY B 146 -27.26 26.69 -10.95
CA GLY B 146 -27.12 27.06 -9.55
C GLY B 146 -26.59 25.86 -8.80
N GLY B 147 -26.26 24.82 -9.57
CA GLY B 147 -25.72 23.59 -9.06
C GLY B 147 -24.29 23.38 -9.49
N THR B 148 -23.82 22.15 -9.42
CA THR B 148 -22.46 21.84 -9.82
C THR B 148 -22.43 20.67 -10.75
N ALA B 149 -21.38 20.58 -11.56
CA ALA B 149 -21.21 19.40 -12.38
C ALA B 149 -19.81 18.82 -12.19
N ALA B 150 -19.74 17.50 -12.17
CA ALA B 150 -18.47 16.82 -12.11
C ALA B 150 -18.09 16.45 -13.53
N LEU B 151 -16.85 16.74 -13.92
CA LEU B 151 -16.31 16.30 -15.20
C LEU B 151 -14.84 15.88 -15.10
N GLY B 152 -14.38 15.03 -16.02
CA GLY B 152 -13.04 14.49 -15.90
C GLY B 152 -12.40 13.89 -17.14
N CYS B 153 -11.23 13.30 -16.94
CA CYS B 153 -10.53 12.53 -17.97
C CYS B 153 -10.26 11.13 -17.47
N LEU B 154 -10.52 10.13 -18.30
CA LEU B 154 -10.08 8.76 -18.01
C LEU B 154 -8.80 8.47 -18.79
N VAL B 155 -7.69 8.30 -18.07
CA VAL B 155 -6.41 8.06 -18.70
C VAL B 155 -6.12 6.56 -18.75
N LYS B 156 -6.29 5.95 -19.92
CA LYS B 156 -6.23 4.48 -20.04
C LYS B 156 -4.91 3.94 -20.58
N ASP B 157 -4.57 2.74 -20.10
CA ASP B 157 -3.58 1.85 -20.71
C ASP B 157 -2.18 2.44 -20.93
N TYR B 158 -1.51 2.78 -19.84
CA TYR B 158 -0.16 3.30 -19.91
C TYR B 158 0.77 2.48 -19.02
N PHE B 159 2.07 2.54 -19.30
CA PHE B 159 3.05 1.81 -18.53
C PHE B 159 4.42 2.40 -18.76
N PRO B 160 5.24 2.50 -17.72
CA PRO B 160 4.91 2.26 -16.31
C PRO B 160 4.34 3.53 -15.72
N GLU B 161 3.93 3.50 -14.45
CA GLU B 161 3.62 4.72 -13.72
C GLU B 161 4.85 5.60 -13.75
N PRO B 162 4.70 6.93 -13.54
CA PRO B 162 3.43 7.65 -13.32
C PRO B 162 3.03 8.55 -14.49
N VAL B 163 1.88 9.19 -14.33
CA VAL B 163 1.42 10.21 -15.25
C VAL B 163 1.07 11.45 -14.46
N THR B 164 1.20 12.60 -15.10
CA THR B 164 0.79 13.86 -14.52
C THR B 164 -0.44 14.37 -15.27
N VAL B 165 -1.44 14.84 -14.53
CA VAL B 165 -2.61 15.48 -15.14
C VAL B 165 -2.76 16.90 -14.61
N SER B 166 -3.17 17.83 -15.48
CA SER B 166 -3.57 19.18 -15.06
C SER B 166 -4.81 19.62 -15.83
N TRP B 167 -5.39 20.75 -15.45
CA TRP B 167 -6.60 21.24 -16.11
C TRP B 167 -6.44 22.66 -16.61
N ASN B 168 -6.85 22.89 -17.85
CA ASN B 168 -6.76 24.20 -18.47
C ASN B 168 -5.38 24.79 -18.38
N SER B 169 -4.37 23.93 -18.58
CA SER B 169 -2.96 24.35 -18.56
C SER B 169 -2.57 25.05 -17.24
N GLY B 170 -3.18 24.64 -16.13
CA GLY B 170 -2.87 25.22 -14.83
C GLY B 170 -3.86 26.23 -14.30
N ALA B 171 -4.66 26.83 -15.19
CA ALA B 171 -5.60 27.86 -14.77
C ALA B 171 -6.84 27.33 -14.03
N LEU B 172 -6.94 26.02 -13.86
CA LEU B 172 -8.05 25.44 -13.11
C LEU B 172 -7.50 24.48 -12.08
N THR B 173 -7.68 24.80 -10.80
CA THR B 173 -7.08 24.03 -9.71
C THR B 173 -8.03 23.68 -8.56
N SER B 174 -9.07 24.50 -8.37
CA SER B 174 -10.01 24.28 -7.26
C SER B 174 -10.89 23.03 -7.45
N GLY B 175 -10.84 22.14 -6.48
CA GLY B 175 -11.69 20.96 -6.51
C GLY B 175 -11.26 19.96 -7.57
N VAL B 176 -9.97 19.96 -7.90
CA VAL B 176 -9.39 19.01 -8.83
C VAL B 176 -8.75 17.89 -8.01
N HIS B 177 -9.25 16.66 -8.12
CA HIS B 177 -8.51 15.55 -7.53
C HIS B 177 -8.10 14.57 -8.62
N THR B 178 -6.82 14.24 -8.64
CA THR B 178 -6.32 13.20 -9.51
C THR B 178 -6.04 11.96 -8.68
N PHE B 179 -6.74 10.89 -9.01
CA PHE B 179 -6.71 9.69 -8.21
C PHE B 179 -5.55 8.77 -8.53
N PRO B 180 -5.16 7.94 -7.55
CA PRO B 180 -4.15 6.92 -7.82
C PRO B 180 -4.53 6.02 -8.98
N ALA B 181 -3.53 5.37 -9.55
CA ALA B 181 -3.73 4.48 -10.68
C ALA B 181 -4.23 3.11 -10.23
N VAL B 182 -4.85 2.41 -11.16
CA VAL B 182 -5.33 1.06 -10.95
C VAL B 182 -4.52 0.17 -11.88
N LEU B 183 -4.12 -1.00 -11.42
CA LEU B 183 -3.48 -1.97 -12.29
C LEU B 183 -4.53 -2.89 -12.93
N GLN B 184 -4.40 -3.10 -14.23
CA GLN B 184 -5.30 -3.99 -14.94
C GLN B 184 -4.58 -5.30 -15.22
N SER B 185 -5.33 -6.36 -15.47
CA SER B 185 -4.77 -7.71 -15.54
C SER B 185 -3.76 -7.90 -16.67
N SER B 186 -3.73 -6.97 -17.61
CA SER B 186 -2.75 -7.01 -18.67
C SER B 186 -1.50 -6.25 -18.28
N GLY B 187 -1.48 -5.75 -17.05
CA GLY B 187 -0.28 -5.17 -16.48
C GLY B 187 -0.13 -3.70 -16.80
N LEU B 188 -1.17 -3.10 -17.35
CA LEU B 188 -1.19 -1.68 -17.68
C LEU B 188 -2.02 -0.89 -16.67
N TYR B 189 -1.77 0.40 -16.58
CA TYR B 189 -2.45 1.26 -15.63
C TYR B 189 -3.46 2.18 -16.26
N SER B 190 -4.38 2.66 -15.44
CA SER B 190 -5.32 3.68 -15.83
C SER B 190 -5.62 4.53 -14.63
N LEU B 191 -5.88 5.82 -14.84
CA LEU B 191 -6.38 6.64 -13.74
C LEU B 191 -7.36 7.71 -14.20
N SER B 192 -7.97 8.36 -13.22
CA SER B 192 -8.90 9.42 -13.50
C SER B 192 -8.48 10.70 -12.83
N SER B 193 -8.84 11.82 -13.44
CA SER B 193 -8.72 13.13 -12.83
C SER B 193 -10.10 13.73 -12.95
N VAL B 194 -10.58 14.36 -11.89
CA VAL B 194 -11.92 14.93 -11.91
C VAL B 194 -11.92 16.33 -11.33
N VAL B 195 -12.81 17.20 -11.83
CA VAL B 195 -12.95 18.54 -11.29
C VAL B 195 -14.43 18.86 -11.17
N THR B 196 -14.81 19.53 -10.09
CA THR B 196 -16.19 19.97 -9.91
C THR B 196 -16.29 21.46 -10.22
N VAL B 197 -17.28 21.83 -11.05
CA VAL B 197 -17.44 23.21 -11.46
C VAL B 197 -18.91 23.60 -11.39
N PRO B 198 -19.20 24.91 -11.31
CA PRO B 198 -20.62 25.30 -11.22
C PRO B 198 -21.35 25.05 -12.54
N SER B 199 -22.52 24.43 -12.46
CA SER B 199 -23.32 24.04 -13.63
C SER B 199 -23.54 25.17 -14.63
N SER B 200 -23.87 26.34 -14.10
CA SER B 200 -24.29 27.49 -14.88
C SER B 200 -23.28 27.97 -15.95
N SER B 201 -22.05 27.50 -15.85
CA SER B 201 -21.01 28.00 -16.74
C SER B 201 -20.58 26.97 -17.77
N LEU B 202 -21.20 25.79 -17.74
CA LEU B 202 -20.84 24.70 -18.63
C LEU B 202 -21.00 25.08 -20.11
N GLY B 203 -21.95 25.96 -20.41
CA GLY B 203 -22.24 26.33 -21.77
C GLY B 203 -21.34 27.43 -22.32
N THR B 204 -20.32 27.83 -21.54
CA THR B 204 -19.40 28.88 -21.97
C THR B 204 -17.96 28.53 -21.71
N GLN B 205 -17.73 27.83 -20.61
CA GLN B 205 -16.40 27.45 -20.17
C GLN B 205 -15.85 26.23 -20.88
N THR B 206 -14.61 26.34 -21.35
CA THR B 206 -13.92 25.23 -22.01
C THR B 206 -13.04 24.52 -21.00
N TYR B 207 -13.17 23.19 -20.94
CA TYR B 207 -12.41 22.39 -20.00
C TYR B 207 -11.49 21.39 -20.71
N ILE B 208 -10.19 21.48 -20.43
CA ILE B 208 -9.23 20.64 -21.12
C ILE B 208 -8.27 20.01 -20.13
N CYS B 209 -8.15 18.68 -20.15
CA CYS B 209 -7.19 18.06 -19.25
C CYS B 209 -5.89 17.85 -20.00
N ASN B 210 -4.78 18.10 -19.31
CA ASN B 210 -3.47 17.96 -19.93
C ASN B 210 -2.79 16.79 -19.30
N VAL B 211 -2.43 15.82 -20.13
CA VAL B 211 -1.90 14.58 -19.64
C VAL B 211 -0.48 14.40 -20.10
N ASN B 212 0.38 14.07 -19.15
CA ASN B 212 1.79 13.87 -19.46
C ASN B 212 2.30 12.55 -18.90
N HIS B 213 2.83 11.71 -19.79
CA HIS B 213 3.44 10.45 -19.39
C HIS B 213 4.90 10.42 -19.87
N LYS B 214 5.79 10.87 -18.99
CA LYS B 214 7.20 11.04 -19.33
C LYS B 214 7.91 9.79 -19.91
N PRO B 215 7.66 8.60 -19.36
CA PRO B 215 8.41 7.45 -19.88
C PRO B 215 8.24 7.23 -21.39
N SER B 216 7.05 7.54 -21.93
CA SER B 216 6.78 7.36 -23.36
C SER B 216 6.77 8.68 -24.12
N ASN B 217 7.22 9.75 -23.45
CA ASN B 217 7.18 11.12 -24.00
C ASN B 217 5.86 11.47 -24.63
N THR B 218 4.79 11.09 -23.95
CA THR B 218 3.42 11.36 -24.37
C THR B 218 2.85 12.56 -23.63
N LYS B 219 2.50 13.60 -24.38
CA LYS B 219 1.77 14.72 -23.85
C LYS B 219 0.52 14.85 -24.71
N VAL B 220 -0.66 14.73 -24.12
CA VAL B 220 -1.89 15.00 -24.85
C VAL B 220 -2.90 15.86 -24.08
N ASP B 221 -3.62 16.67 -24.83
CA ASP B 221 -4.66 17.54 -24.28
C ASP B 221 -5.98 17.03 -24.79
N LYS B 222 -6.93 16.90 -23.87
CA LYS B 222 -8.23 16.33 -24.19
C LYS B 222 -9.33 17.26 -23.73
N ARG B 223 -10.18 17.64 -24.68
CA ARG B 223 -11.33 18.48 -24.37
C ARG B 223 -12.48 17.65 -23.82
N VAL B 224 -13.06 18.12 -22.73
CA VAL B 224 -14.21 17.47 -22.14
C VAL B 224 -15.42 18.39 -22.34
N GLU B 225 -16.44 17.88 -23.00
CA GLU B 225 -17.57 18.72 -23.39
C GLU B 225 -18.82 18.11 -22.84
N PRO B 226 -19.81 18.95 -22.52
CA PRO B 226 -21.08 18.42 -22.02
C PRO B 226 -21.73 17.55 -23.08
N LYS B 227 -22.47 16.52 -22.67
CA LYS B 227 -23.24 15.71 -23.63
C LYS B 227 -24.65 16.26 -23.82
N SER B 228 -25.53 15.49 -24.45
CA SER B 228 -26.91 15.92 -24.67
C SER B 228 -27.93 14.80 -24.45
N ASN C 1 3.37 -23.38 11.19
CA ASN C 1 2.79 -23.96 12.40
C ASN C 1 1.74 -23.07 13.09
N PHE C 2 1.98 -21.77 13.17
CA PHE C 2 1.00 -20.88 13.78
C PHE C 2 0.81 -19.59 13.00
N MET C 3 -0.37 -19.01 13.12
CA MET C 3 -0.66 -17.68 12.58
C MET C 3 -0.60 -16.70 13.75
N LEU C 4 -0.17 -15.47 13.50
CA LEU C 4 -0.35 -14.42 14.50
C LEU C 4 -1.47 -13.47 14.06
N THR C 5 -2.52 -13.36 14.88
CA THR C 5 -3.70 -12.58 14.49
C THR C 5 -3.79 -11.22 15.18
N GLN C 6 -3.96 -10.18 14.38
CA GLN C 6 -4.17 -8.83 14.88
C GLN C 6 -5.51 -8.27 14.42
N PRO C 7 -6.05 -7.30 15.17
CA PRO C 7 -7.26 -6.62 14.71
C PRO C 7 -6.94 -5.85 13.42
N HIS C 8 -7.85 -5.89 12.45
CA HIS C 8 -7.60 -5.28 11.15
C HIS C 8 -7.41 -3.77 11.32
N SER C 9 -8.26 -3.18 12.15
CA SER C 9 -8.21 -1.75 12.42
C SER C 9 -8.42 -1.45 13.91
N VAL C 10 -7.69 -0.46 14.45
CA VAL C 10 -8.09 0.18 15.71
C VAL C 10 -7.98 1.70 15.60
N SER C 11 -8.99 2.39 16.11
CA SER C 11 -9.08 3.86 15.94
C SER C 11 -9.46 4.58 17.22
N GLU C 12 -8.61 5.50 17.66
CA GLU C 12 -8.94 6.32 18.83
C GLU C 12 -8.43 7.74 18.61
N SER C 13 -8.97 8.69 19.38
CA SER C 13 -8.52 10.09 19.35
C SER C 13 -7.22 10.22 20.14
N PRO C 14 -6.48 11.34 19.95
CA PRO C 14 -5.22 11.55 20.66
C PRO C 14 -5.38 11.72 22.19
N GLY C 15 -4.33 11.41 22.93
CA GLY C 15 -4.38 11.44 24.39
C GLY C 15 -4.69 10.06 24.94
N LYS C 16 -5.43 9.27 24.17
CA LYS C 16 -5.89 7.96 24.62
C LYS C 16 -4.74 6.99 24.88
N THR C 17 -4.99 6.04 25.77
CA THR C 17 -4.11 4.91 25.93
C THR C 17 -4.71 3.72 25.18
N VAL C 18 -4.01 3.30 24.13
CA VAL C 18 -4.58 2.44 23.09
C VAL C 18 -3.76 1.16 22.96
N THR C 19 -4.42 0.03 22.75
CA THR C 19 -3.70 -1.23 22.64
C THR C 19 -3.99 -1.99 21.33
N ILE C 20 -2.94 -2.60 20.80
CA ILE C 20 -3.03 -3.52 19.69
C ILE C 20 -2.67 -4.92 20.16
N SER C 21 -3.59 -5.86 20.00
CA SER C 21 -3.35 -7.24 20.39
C SER C 21 -2.72 -8.05 19.26
N CYS C 22 -2.02 -9.12 19.64
CA CYS C 22 -1.43 -10.04 18.68
C CYS C 22 -1.54 -11.46 19.22
N THR C 23 -2.51 -12.21 18.68
CA THR C 23 -2.86 -13.53 19.22
C THR C 23 -2.25 -14.70 18.44
N ARG C 24 -1.60 -15.58 19.18
CA ARG C 24 -0.98 -16.75 18.58
C ARG C 24 -1.98 -17.89 18.52
N SER C 25 -2.05 -18.55 17.36
CA SER C 25 -3.10 -19.55 17.13
C SER C 25 -2.80 -20.92 17.72
N SER C 26 -1.52 -21.30 17.71
CA SER C 26 -1.04 -22.55 18.29
C SER C 26 0.29 -22.35 18.99
N GLY C 27 0.45 -23.00 20.14
CA GLY C 27 1.63 -22.82 20.95
C GLY C 27 1.51 -21.57 21.81
N SER C 28 2.08 -21.64 23.00
CA SER C 28 2.07 -20.50 23.92
C SER C 28 2.79 -19.31 23.32
N ILE C 29 2.14 -18.15 23.34
CA ILE C 29 2.75 -16.90 22.91
C ILE C 29 4.03 -16.62 23.71
N ALA C 30 4.10 -17.20 24.90
CA ALA C 30 5.23 -16.95 25.79
C ALA C 30 6.47 -17.76 25.45
N SER C 31 6.36 -18.64 24.45
CA SER C 31 7.47 -19.53 24.09
C SER C 31 8.56 -18.85 23.24
N ASN C 32 8.19 -17.83 22.48
CA ASN C 32 9.15 -17.16 21.62
C ASN C 32 9.01 -15.65 21.74
N TYR C 33 10.12 -14.93 21.63
CA TYR C 33 10.10 -13.46 21.70
C TYR C 33 9.20 -12.80 20.67
N VAL C 34 8.56 -11.73 21.10
CA VAL C 34 7.64 -11.01 20.23
C VAL C 34 8.21 -9.63 19.94
N GLN C 35 8.22 -9.25 18.66
CA GLN C 35 8.65 -7.93 18.25
C GLN C 35 7.48 -7.15 17.66
N TRP C 36 7.52 -5.82 17.75
CA TRP C 36 6.54 -4.99 17.04
C TRP C 36 7.20 -4.00 16.09
N TYR C 37 6.63 -3.87 14.90
CA TYR C 37 7.13 -2.90 13.96
C TYR C 37 6.08 -1.86 13.60
N GLN C 38 6.52 -0.62 13.44
CA GLN C 38 5.67 0.44 12.97
C GLN C 38 6.03 0.74 11.53
N GLN C 39 5.01 0.86 10.69
CA GLN C 39 5.25 1.29 9.31
C GLN C 39 4.28 2.42 8.92
N ARG C 40 4.83 3.62 8.81
CA ARG C 40 4.06 4.77 8.36
C ARG C 40 3.81 4.66 6.86
N PRO C 41 2.73 5.30 6.40
CA PRO C 41 2.36 5.29 4.97
C PRO C 41 3.51 5.68 4.05
N GLY C 42 3.88 4.77 3.16
CA GLY C 42 4.92 5.02 2.18
C GLY C 42 6.32 5.16 2.73
N SER C 43 6.55 4.65 3.93
CA SER C 43 7.87 4.69 4.55
C SER C 43 8.32 3.28 4.91
N SER C 44 9.61 3.10 5.14
CA SER C 44 10.11 1.81 5.57
C SER C 44 9.70 1.53 7.00
N PRO C 45 9.71 0.26 7.38
CA PRO C 45 9.29 0.03 8.77
C PRO C 45 10.40 0.31 9.79
N THR C 46 10.01 0.49 11.04
CA THR C 46 10.96 0.57 12.14
C THR C 46 10.48 -0.28 13.30
N THR C 47 11.41 -0.64 14.18
CA THR C 47 11.11 -1.51 15.30
C THR C 47 10.81 -0.65 16.50
N VAL C 48 9.63 -0.83 17.08
CA VAL C 48 9.22 -0.03 18.22
C VAL C 48 9.27 -0.82 19.55
N ILE C 49 9.14 -2.15 19.47
CA ILE C 49 9.35 -3.03 20.63
C ILE C 49 10.06 -4.32 20.19
N TYR C 50 11.02 -4.77 20.99
CA TYR C 50 11.62 -6.07 20.79
C TYR C 50 11.62 -6.88 22.09
N GLU C 51 11.80 -8.20 21.95
CA GLU C 51 11.80 -9.13 23.06
C GLU C 51 10.64 -8.91 24.04
N ASP C 52 9.43 -9.01 23.51
CA ASP C 52 8.18 -8.78 24.25
C ASP C 52 7.94 -7.33 24.72
N ASN C 53 8.93 -6.75 25.39
CA ASN C 53 8.71 -5.54 26.17
C ASN C 53 9.84 -4.50 26.14
N GLN C 54 10.90 -4.75 25.37
CA GLN C 54 12.04 -3.84 25.30
C GLN C 54 11.80 -2.74 24.28
N ARG C 55 12.10 -1.50 24.66
CA ARG C 55 11.94 -0.34 23.78
C ARG C 55 13.28 0.16 23.28
N PRO C 56 13.49 0.14 21.94
CA PRO C 56 14.71 0.72 21.35
C PRO C 56 14.94 2.18 21.75
N SER C 57 16.18 2.62 21.66
CA SER C 57 16.59 3.92 22.17
C SER C 57 15.77 5.11 21.67
N GLY C 58 15.63 5.23 20.37
CA GLY C 58 14.95 6.39 19.80
C GLY C 58 13.43 6.36 19.83
N VAL C 59 12.84 5.24 20.25
CA VAL C 59 11.38 5.11 20.23
C VAL C 59 10.81 5.91 21.38
N PRO C 60 9.71 6.65 21.14
CA PRO C 60 9.17 7.46 22.23
C PRO C 60 8.66 6.64 23.44
N ASP C 61 8.88 7.18 24.64
CA ASP C 61 8.51 6.56 25.89
C ASP C 61 7.06 6.06 25.98
N ARG C 62 6.15 6.71 25.27
CA ARG C 62 4.75 6.27 25.25
C ARG C 62 4.57 4.82 24.73
N PHE C 63 5.55 4.28 24.01
CA PHE C 63 5.47 2.88 23.54
C PHE C 63 5.89 1.89 24.62
N SER C 64 5.04 0.91 24.88
CA SER C 64 5.41 -0.22 25.73
C SER C 64 4.78 -1.48 25.17
N GLY C 65 5.16 -2.61 25.73
CA GLY C 65 4.69 -3.89 25.21
C GLY C 65 4.62 -4.94 26.30
N SER C 66 3.63 -5.83 26.19
CA SER C 66 3.44 -6.87 27.20
C SER C 66 2.88 -8.18 26.63
N ILE C 67 2.79 -9.19 27.50
CA ILE C 67 2.30 -10.52 27.13
C ILE C 67 1.11 -10.85 28.03
N ASP C 68 0.07 -11.44 27.45
CA ASP C 68 -1.08 -11.87 28.23
C ASP C 68 -1.27 -13.36 27.98
N SER C 69 -0.64 -14.19 28.83
CA SER C 69 -0.63 -15.65 28.67
C SER C 69 -2.01 -16.32 28.74
N SER C 70 -2.99 -15.59 29.27
CA SER C 70 -4.34 -16.14 29.40
C SER C 70 -5.16 -15.93 28.13
N SER C 71 -4.76 -14.95 27.31
CA SER C 71 -5.38 -14.74 26.00
C SER C 71 -4.45 -15.24 24.90
N ASN C 72 -3.30 -15.79 25.31
CA ASN C 72 -2.27 -16.27 24.40
C ASN C 72 -1.88 -15.21 23.38
N SER C 73 -1.83 -13.98 23.85
CA SER C 73 -1.60 -12.83 22.98
C SER C 73 -0.51 -11.90 23.52
N ALA C 74 0.11 -11.15 22.63
CA ALA C 74 1.05 -10.09 23.02
C ALA C 74 0.37 -8.74 22.76
N SER C 75 0.86 -7.69 23.42
CA SER C 75 0.21 -6.39 23.32
C SER C 75 1.19 -5.24 23.16
N LEU C 76 0.88 -4.37 22.21
CA LEU C 76 1.54 -3.09 22.04
C LEU C 76 0.64 -2.01 22.58
N THR C 77 1.13 -1.26 23.55
CA THR C 77 0.31 -0.20 24.16
C THR C 77 0.91 1.21 23.98
N ILE C 78 0.09 2.14 23.54
CA ILE C 78 0.56 3.49 23.34
C ILE C 78 -0.13 4.39 24.35
N SER C 79 0.66 4.91 25.29
CA SER C 79 0.14 5.71 26.38
C SER C 79 0.23 7.20 26.10
N GLY C 80 -0.86 7.77 25.59
CA GLY C 80 -0.86 9.15 25.13
C GLY C 80 -0.68 9.19 23.63
N LEU C 81 -1.66 8.65 22.92
CA LEU C 81 -1.64 8.59 21.47
C LEU C 81 -1.43 9.94 20.80
N LYS C 82 -0.51 9.98 19.84
CA LYS C 82 -0.23 11.21 19.10
C LYS C 82 -0.44 11.01 17.59
N THR C 83 -0.67 12.11 16.87
CA THR C 83 -0.98 12.03 15.45
C THR C 83 0.10 11.27 14.64
N GLU C 84 1.38 11.50 14.94
CA GLU C 84 2.46 10.82 14.24
C GLU C 84 2.49 9.31 14.48
N ASP C 85 1.67 8.84 15.41
CA ASP C 85 1.55 7.41 15.69
C ASP C 85 0.68 6.67 14.67
N GLU C 86 0.00 7.40 13.81
CA GLU C 86 -0.84 6.79 12.77
C GLU C 86 0.07 5.98 11.82
N ALA C 87 -0.20 4.68 11.74
CA ALA C 87 0.68 3.76 10.99
C ALA C 87 0.09 2.37 10.96
N ASP C 88 0.71 1.48 10.19
CA ASP C 88 0.45 0.06 10.35
C ASP C 88 1.42 -0.51 11.36
N TYR C 89 0.91 -1.43 12.16
CA TYR C 89 1.75 -2.09 13.14
C TYR C 89 1.72 -3.60 12.91
N TYR C 90 2.89 -4.22 13.00
CA TYR C 90 3.03 -5.65 12.80
C TYR C 90 3.71 -6.28 14.00
N CYS C 91 3.10 -7.32 14.55
CA CYS C 91 3.80 -8.16 15.51
C CYS C 91 4.52 -9.25 14.71
N GLN C 92 5.56 -9.85 15.31
CA GLN C 92 6.26 -11.00 14.72
C GLN C 92 6.93 -11.85 15.80
N SER C 93 7.02 -13.16 15.53
CA SER C 93 7.72 -14.08 16.43
C SER C 93 8.40 -15.14 15.59
N TYR C 94 8.69 -16.29 16.20
CA TYR C 94 9.47 -17.30 15.51
C TYR C 94 8.79 -18.68 15.53
N ASP C 95 8.86 -19.39 14.39
CA ASP C 95 8.42 -20.76 14.31
C ASP C 95 9.66 -21.64 14.48
N SER C 96 10.03 -22.35 13.43
CA SER C 96 11.28 -23.12 13.41
C SER C 96 12.46 -22.16 13.41
N SER C 97 12.38 -21.12 14.23
CA SER C 97 13.24 -19.96 14.08
C SER C 97 13.07 -19.28 12.70
N SER C 98 11.99 -19.63 11.99
CA SER C 98 11.52 -18.85 10.85
C SER C 98 10.62 -17.74 11.41
N TRP C 99 10.74 -16.53 10.86
CA TRP C 99 10.03 -15.40 11.44
C TRP C 99 8.59 -15.36 10.94
N VAL C 100 7.63 -15.40 11.86
CA VAL C 100 6.22 -15.28 11.52
C VAL C 100 5.75 -13.87 11.79
N PHE C 101 5.11 -13.25 10.80
CA PHE C 101 4.53 -11.92 10.97
C PHE C 101 3.02 -11.96 11.18
N GLY C 102 2.52 -11.02 11.98
CA GLY C 102 1.10 -10.81 12.13
C GLY C 102 0.58 -10.18 10.86
N GLY C 103 -0.73 -10.22 10.65
CA GLY C 103 -1.34 -9.67 9.45
C GLY C 103 -1.23 -8.16 9.38
N GLY C 104 -1.05 -7.50 10.53
CA GLY C 104 -0.92 -6.06 10.60
C GLY C 104 -2.18 -5.36 11.09
N THR C 105 -2.01 -4.21 11.73
CA THR C 105 -3.14 -3.43 12.23
C THR C 105 -3.05 -2.01 11.75
N LYS C 106 -4.14 -1.48 11.23
CA LYS C 106 -4.19 -0.08 10.83
C LYS C 106 -4.65 0.76 12.00
N LEU C 107 -3.76 1.62 12.48
CA LEU C 107 -4.07 2.46 13.63
C LEU C 107 -4.33 3.89 13.19
N THR C 108 -5.57 4.34 13.38
CA THR C 108 -5.96 5.65 12.95
C THR C 108 -6.01 6.56 14.17
N VAL C 109 -5.34 7.70 14.09
CA VAL C 109 -5.49 8.71 15.14
C VAL C 109 -6.56 9.71 14.72
N LEU C 110 -7.75 9.54 15.27
CA LEU C 110 -8.89 10.38 14.96
C LEU C 110 -8.61 11.85 15.26
N GLY C 111 -8.15 12.57 14.24
CA GLY C 111 -7.72 13.95 14.43
C GLY C 111 -8.71 15.01 13.96
N GLN C 112 -9.86 14.56 13.47
CA GLN C 112 -10.90 15.48 13.00
C GLN C 112 -12.24 14.76 12.95
N PRO C 113 -13.34 15.53 12.96
CA PRO C 113 -14.69 14.97 12.93
C PRO C 113 -14.96 14.09 11.71
N LYS C 114 -15.95 13.22 11.83
CA LYS C 114 -16.32 12.28 10.80
C LYS C 114 -16.95 13.00 9.63
N ALA C 115 -16.47 12.73 8.42
CA ALA C 115 -17.06 13.30 7.20
C ALA C 115 -17.47 12.22 6.19
N ALA C 116 -18.76 12.21 5.86
CA ALA C 116 -19.34 11.31 4.87
C ALA C 116 -18.79 11.62 3.49
N PRO C 117 -18.55 10.59 2.67
CA PRO C 117 -17.94 10.75 1.35
C PRO C 117 -18.88 11.36 0.32
N SER C 118 -18.29 12.14 -0.59
CA SER C 118 -19.00 12.55 -1.80
C SER C 118 -18.77 11.47 -2.83
N VAL C 119 -19.85 11.07 -3.50
CA VAL C 119 -19.77 10.09 -4.58
C VAL C 119 -20.13 10.74 -5.92
N THR C 120 -19.42 10.35 -6.96
CA THR C 120 -19.72 10.76 -8.32
C THR C 120 -19.50 9.54 -9.20
N LEU C 121 -20.48 9.26 -10.07
CA LEU C 121 -20.44 8.05 -10.88
C LEU C 121 -20.64 8.36 -12.37
N PHE C 122 -19.66 8.01 -13.19
CA PHE C 122 -19.71 8.25 -14.63
C PHE C 122 -20.04 6.98 -15.41
N PRO C 123 -20.98 7.09 -16.35
CA PRO C 123 -21.29 5.98 -17.26
C PRO C 123 -20.23 5.91 -18.36
N PRO C 124 -20.15 4.77 -19.08
CA PRO C 124 -19.22 4.72 -20.21
C PRO C 124 -19.50 5.88 -21.19
N SER C 125 -18.47 6.54 -21.71
CA SER C 125 -18.67 7.58 -22.73
C SER C 125 -18.96 6.94 -24.07
N SER C 126 -19.66 7.66 -24.93
CA SER C 126 -19.92 7.15 -26.29
C SER C 126 -18.62 6.90 -27.04
N GLU C 127 -17.57 7.64 -26.70
CA GLU C 127 -16.27 7.44 -27.33
C GLU C 127 -15.60 6.15 -26.86
N GLU C 128 -15.72 5.82 -25.57
CA GLU C 128 -15.16 4.58 -25.06
C GLU C 128 -15.91 3.37 -25.65
N LEU C 129 -17.24 3.49 -25.70
CA LEU C 129 -18.10 2.50 -26.33
C LEU C 129 -17.70 2.26 -27.78
N GLN C 130 -17.47 3.35 -28.51
CA GLN C 130 -16.99 3.24 -29.88
C GLN C 130 -15.68 2.44 -29.91
N ALA C 131 -14.90 2.48 -28.83
CA ALA C 131 -13.66 1.73 -28.79
C ALA C 131 -13.90 0.29 -28.37
N ASN C 132 -15.17 -0.09 -28.32
CA ASN C 132 -15.57 -1.42 -27.87
C ASN C 132 -15.12 -1.72 -26.41
N LYS C 133 -15.23 -0.71 -25.54
CA LYS C 133 -14.98 -0.88 -24.10
C LYS C 133 -16.08 -0.19 -23.32
N ALA C 134 -16.27 -0.61 -22.07
CA ALA C 134 -17.18 0.10 -21.19
C ALA C 134 -16.67 0.07 -19.75
N THR C 135 -16.47 1.26 -19.17
CA THR C 135 -15.97 1.38 -17.82
C THR C 135 -16.86 2.29 -17.00
N LEU C 136 -17.37 1.77 -15.89
CA LEU C 136 -18.10 2.59 -14.94
C LEU C 136 -17.06 3.16 -13.99
N VAL C 137 -17.07 4.48 -13.82
CA VAL C 137 -16.06 5.18 -13.04
C VAL C 137 -16.69 5.88 -11.82
N CYS C 138 -16.39 5.34 -10.65
CA CYS C 138 -16.91 5.82 -9.38
C CYS C 138 -15.83 6.54 -8.57
N LEU C 139 -16.06 7.83 -8.32
CA LEU C 139 -15.09 8.65 -7.59
C LEU C 139 -15.63 9.02 -6.20
N ILE C 140 -14.77 8.83 -5.21
CA ILE C 140 -15.16 9.02 -3.81
C ILE C 140 -14.22 10.04 -3.19
N SER C 141 -14.78 11.10 -2.62
CA SER C 141 -13.93 12.13 -2.05
C SER C 141 -14.49 12.75 -0.76
N ASP C 142 -13.62 13.50 -0.11
CA ASP C 142 -13.92 14.28 1.10
C ASP C 142 -14.42 13.47 2.30
N PHE C 143 -13.96 12.22 2.44
CA PHE C 143 -14.36 11.44 3.60
C PHE C 143 -13.30 11.38 4.69
N TYR C 144 -13.73 11.27 5.94
CA TYR C 144 -12.85 11.04 7.08
C TYR C 144 -13.53 10.18 8.14
N PRO C 145 -12.82 9.20 8.70
CA PRO C 145 -11.43 8.81 8.43
C PRO C 145 -11.31 8.01 7.15
N GLY C 146 -10.07 7.69 6.78
CA GLY C 146 -9.77 7.20 5.45
C GLY C 146 -9.98 5.73 5.15
N ALA C 147 -11.20 5.25 5.35
CA ALA C 147 -11.51 3.87 5.01
C ALA C 147 -12.93 3.78 4.50
N VAL C 148 -13.11 3.22 3.29
CA VAL C 148 -14.44 2.92 2.78
C VAL C 148 -14.53 1.50 2.25
N THR C 149 -15.76 1.03 2.08
CA THR C 149 -16.01 -0.25 1.43
C THR C 149 -16.82 0.00 0.18
N VAL C 150 -16.40 -0.54 -0.96
CA VAL C 150 -17.15 -0.32 -2.19
C VAL C 150 -17.87 -1.54 -2.74
N ALA C 151 -19.19 -1.41 -2.90
CA ALA C 151 -20.01 -2.47 -3.50
C ALA C 151 -20.72 -1.98 -4.77
N TRP C 152 -20.80 -2.83 -5.78
CA TRP C 152 -21.37 -2.47 -7.08
C TRP C 152 -22.64 -3.27 -7.38
N LYS C 153 -23.69 -2.59 -7.81
CA LYS C 153 -24.94 -3.26 -8.13
C LYS C 153 -25.29 -3.19 -9.62
N ALA C 154 -25.72 -4.32 -10.17
CA ALA C 154 -26.38 -4.36 -11.46
C ALA C 154 -27.87 -4.58 -11.20
N ASP C 155 -28.68 -3.59 -11.54
CA ASP C 155 -30.06 -3.49 -11.04
C ASP C 155 -30.03 -3.54 -9.50
N SER C 156 -30.48 -4.63 -8.90
CA SER C 156 -30.25 -4.80 -7.46
C SER C 156 -29.42 -6.04 -7.15
N SER C 157 -28.92 -6.68 -8.20
CA SER C 157 -28.01 -7.81 -8.04
C SER C 157 -26.61 -7.25 -7.85
N PRO C 158 -25.85 -7.84 -6.93
CA PRO C 158 -24.47 -7.40 -6.72
C PRO C 158 -23.57 -7.84 -7.86
N VAL C 159 -22.43 -7.16 -8.05
CA VAL C 159 -21.40 -7.59 -8.99
C VAL C 159 -19.97 -7.42 -8.43
N LYS C 160 -19.19 -8.52 -8.48
CA LYS C 160 -17.83 -8.55 -7.94
C LYS C 160 -16.77 -8.68 -9.04
N ALA C 161 -17.20 -9.09 -10.23
CA ALA C 161 -16.27 -9.33 -11.33
C ALA C 161 -15.96 -8.04 -12.09
N GLY C 162 -14.68 -7.80 -12.32
CA GLY C 162 -14.26 -6.65 -13.10
C GLY C 162 -14.21 -5.39 -12.27
N VAL C 163 -14.10 -5.54 -10.97
CA VAL C 163 -14.02 -4.39 -10.10
C VAL C 163 -12.58 -4.21 -9.65
N GLU C 164 -12.02 -3.04 -9.89
CA GLU C 164 -10.76 -2.64 -9.30
C GLU C 164 -10.99 -1.37 -8.50
N THR C 165 -10.43 -1.32 -7.29
CA THR C 165 -10.68 -0.24 -6.35
C THR C 165 -9.34 0.27 -5.77
N THR C 166 -9.13 1.60 -5.72
CA THR C 166 -7.91 2.12 -5.13
C THR C 166 -8.05 2.28 -3.62
N THR C 167 -6.93 2.16 -2.91
CA THR C 167 -6.95 2.45 -1.48
C THR C 167 -6.90 3.95 -1.26
N PRO C 168 -7.58 4.45 -0.22
CA PRO C 168 -7.73 5.90 -0.06
C PRO C 168 -6.40 6.65 -0.01
N SER C 169 -6.37 7.88 -0.50
CA SER C 169 -5.18 8.70 -0.44
C SER C 169 -5.56 10.06 0.11
N LYS C 170 -4.63 10.69 0.81
CA LYS C 170 -4.91 11.95 1.48
C LYS C 170 -5.00 13.08 0.46
N GLN C 171 -5.90 14.01 0.71
CA GLN C 171 -6.06 15.15 -0.18
C GLN C 171 -5.36 16.35 0.44
N SER C 172 -5.56 17.53 -0.15
CA SER C 172 -4.87 18.74 0.30
C SER C 172 -5.45 19.27 1.59
N ASN C 173 -6.71 18.94 1.86
CA ASN C 173 -7.39 19.35 3.08
C ASN C 173 -7.35 18.26 4.16
N ASN C 174 -6.42 17.32 4.00
CA ASN C 174 -6.21 16.22 4.93
C ASN C 174 -7.38 15.23 5.06
N LYS C 175 -8.38 15.35 4.18
CA LYS C 175 -9.41 14.33 4.07
C LYS C 175 -8.99 13.30 3.03
N TYR C 176 -9.85 12.33 2.75
CA TYR C 176 -9.48 11.23 1.85
C TYR C 176 -10.33 11.09 0.60
N ALA C 177 -9.70 10.57 -0.45
CA ALA C 177 -10.41 10.20 -1.66
C ALA C 177 -10.07 8.77 -2.04
N ALA C 178 -10.94 8.15 -2.83
CA ALA C 178 -10.61 6.87 -3.46
C ALA C 178 -11.39 6.73 -4.75
N SER C 179 -11.13 5.67 -5.49
CA SER C 179 -11.87 5.46 -6.72
C SER C 179 -12.11 3.98 -6.96
N SER C 180 -13.12 3.69 -7.78
CA SER C 180 -13.46 2.31 -8.10
C SER C 180 -13.96 2.21 -9.54
N TYR C 181 -13.47 1.21 -10.26
CA TYR C 181 -13.80 1.01 -11.66
C TYR C 181 -14.54 -0.31 -11.88
N LEU C 182 -15.59 -0.28 -12.70
CA LEU C 182 -16.25 -1.52 -13.10
C LEU C 182 -16.12 -1.68 -14.62
N SER C 183 -15.39 -2.70 -15.05
CA SER C 183 -15.18 -2.93 -16.46
C SER C 183 -16.21 -3.89 -17.04
N LEU C 184 -16.85 -3.46 -18.12
CA LEU C 184 -17.87 -4.24 -18.80
C LEU C 184 -17.59 -4.24 -20.30
N THR C 185 -18.14 -5.23 -20.99
CA THR C 185 -18.21 -5.16 -22.43
C THR C 185 -19.43 -4.30 -22.70
N PRO C 186 -19.48 -3.66 -23.88
CA PRO C 186 -20.65 -2.87 -24.26
C PRO C 186 -21.97 -3.65 -24.19
N GLU C 187 -21.92 -4.97 -24.43
CA GLU C 187 -23.11 -5.80 -24.34
C GLU C 187 -23.68 -5.85 -22.92
N GLN C 188 -22.82 -6.18 -21.96
CA GLN C 188 -23.20 -6.17 -20.55
C GLN C 188 -23.74 -4.82 -20.10
N TRP C 189 -23.09 -3.74 -20.52
CA TRP C 189 -23.52 -2.40 -20.09
C TRP C 189 -24.96 -2.06 -20.47
N LYS C 190 -25.37 -2.43 -21.68
CA LYS C 190 -26.71 -2.15 -22.16
C LYS C 190 -27.73 -3.20 -21.73
N SER C 191 -27.28 -4.26 -21.06
CA SER C 191 -28.17 -5.36 -20.70
C SER C 191 -28.79 -5.24 -19.30
N HIS C 192 -28.64 -4.07 -18.69
CA HIS C 192 -29.19 -3.80 -17.36
C HIS C 192 -29.88 -2.44 -17.34
N ARG C 193 -30.90 -2.32 -16.49
CA ARG C 193 -31.69 -1.10 -16.45
C ARG C 193 -30.89 0.02 -15.81
N SER C 194 -30.06 -0.34 -14.84
CA SER C 194 -29.20 0.61 -14.16
C SER C 194 -28.03 -0.06 -13.46
N TYR C 195 -27.09 0.78 -13.02
CA TYR C 195 -25.92 0.33 -12.25
C TYR C 195 -25.70 1.27 -11.10
N SER C 196 -25.24 0.75 -9.97
CA SER C 196 -25.02 1.59 -8.81
C SER C 196 -23.67 1.40 -8.13
N CYS C 197 -23.08 2.51 -7.71
CA CYS C 197 -21.87 2.47 -6.92
C CYS C 197 -22.20 2.85 -5.49
N GLN C 198 -22.02 1.90 -4.57
CA GLN C 198 -22.37 2.08 -3.16
C GLN C 198 -21.14 2.07 -2.23
N VAL C 199 -20.94 3.19 -1.55
CA VAL C 199 -19.79 3.37 -0.68
C VAL C 199 -20.25 3.42 0.76
N THR C 200 -19.83 2.43 1.53
CA THR C 200 -20.14 2.43 2.95
C THR C 200 -18.97 3.04 3.69
N HIS C 201 -19.26 4.02 4.55
CA HIS C 201 -18.25 4.70 5.35
C HIS C 201 -18.73 4.83 6.80
N GLU C 202 -18.02 4.18 7.72
CA GLU C 202 -18.38 4.17 9.13
C GLU C 202 -19.84 3.72 9.31
N GLY C 203 -20.21 2.68 8.58
CA GLY C 203 -21.55 2.12 8.69
C GLY C 203 -22.66 2.74 7.86
N SER C 204 -22.41 3.85 7.19
CA SER C 204 -23.48 4.46 6.38
C SER C 204 -23.13 4.67 4.90
N THR C 205 -24.08 4.35 4.04
CA THR C 205 -23.88 4.32 2.61
C THR C 205 -24.22 5.63 1.87
N VAL C 206 -23.36 6.00 0.93
CA VAL C 206 -23.59 7.10 0.00
C VAL C 206 -23.51 6.52 -1.42
N GLU C 207 -24.57 6.66 -2.20
CA GLU C 207 -24.58 6.03 -3.52
C GLU C 207 -24.99 6.96 -4.68
N LYS C 208 -24.44 6.67 -5.86
CA LYS C 208 -24.88 7.28 -7.10
C LYS C 208 -25.40 6.20 -8.04
N THR C 209 -26.28 6.59 -8.96
CA THR C 209 -26.90 5.64 -9.89
C THR C 209 -26.77 6.13 -11.33
N VAL C 210 -26.61 5.16 -12.25
CA VAL C 210 -26.34 5.44 -13.65
C VAL C 210 -27.13 4.46 -14.52
N ALA C 211 -27.70 4.95 -15.63
CA ALA C 211 -28.50 4.10 -16.53
C ALA C 211 -28.22 4.34 -18.01
N PRO C 212 -28.03 3.25 -18.78
CA PRO C 212 -27.82 3.29 -20.24
C PRO C 212 -28.89 4.06 -21.00
N THR C 213 -30.06 4.21 -20.38
CA THR C 213 -31.15 4.98 -20.94
C THR C 213 -31.23 6.40 -20.37
#